data_2Y3J
# 
_entry.id   2Y3J 
# 
_audit_conform.dict_name       mmcif_pdbx.dic 
_audit_conform.dict_version    5.391 
_audit_conform.dict_location   http://mmcif.pdb.org/dictionaries/ascii/mmcif_pdbx.dic 
# 
loop_
_database_2.database_id 
_database_2.database_code 
_database_2.pdbx_database_accession 
_database_2.pdbx_DOI 
PDB   2Y3J         pdb_00002y3j 10.2210/pdb2y3j/pdb 
PDBE  EBI-46727    ?            ?                   
WWPDB D_1290046727 ?            ?                   
# 
loop_
_pdbx_audit_revision_history.ordinal 
_pdbx_audit_revision_history.data_content_type 
_pdbx_audit_revision_history.major_revision 
_pdbx_audit_revision_history.minor_revision 
_pdbx_audit_revision_history.revision_date 
1 'Structure model' 1 0 2011-11-02 
2 'Structure model' 1 1 2024-05-08 
# 
_pdbx_audit_revision_details.ordinal             1 
_pdbx_audit_revision_details.revision_ordinal    1 
_pdbx_audit_revision_details.data_content_type   'Structure model' 
_pdbx_audit_revision_details.provider            repository 
_pdbx_audit_revision_details.type                'Initial release' 
_pdbx_audit_revision_details.description         ? 
_pdbx_audit_revision_details.details             ? 
# 
loop_
_pdbx_audit_revision_group.ordinal 
_pdbx_audit_revision_group.revision_ordinal 
_pdbx_audit_revision_group.data_content_type 
_pdbx_audit_revision_group.group 
1 2 'Structure model' 'Data collection'     
2 2 'Structure model' 'Database references' 
3 2 'Structure model' Other                 
# 
loop_
_pdbx_audit_revision_category.ordinal 
_pdbx_audit_revision_category.revision_ordinal 
_pdbx_audit_revision_category.data_content_type 
_pdbx_audit_revision_category.category 
1 2 'Structure model' chem_comp_atom       
2 2 'Structure model' chem_comp_bond       
3 2 'Structure model' database_2           
4 2 'Structure model' pdbx_database_status 
# 
loop_
_pdbx_audit_revision_item.ordinal 
_pdbx_audit_revision_item.revision_ordinal 
_pdbx_audit_revision_item.data_content_type 
_pdbx_audit_revision_item.item 
1 2 'Structure model' '_database_2.pdbx_DOI'                 
2 2 'Structure model' '_database_2.pdbx_database_accession'  
3 2 'Structure model' '_pdbx_database_status.status_code_sf' 
# 
_pdbx_database_status.status_code                     REL 
_pdbx_database_status.entry_id                        2Y3J 
_pdbx_database_status.deposit_site                    PDBE 
_pdbx_database_status.process_site                    PDBE 
_pdbx_database_status.SG_entry                        . 
_pdbx_database_status.recvd_initial_deposition_date   2010-12-21 
_pdbx_database_status.pdb_format_compatible           Y 
_pdbx_database_status.status_code_sf                  REL 
_pdbx_database_status.status_code_mr                  ? 
_pdbx_database_status.status_code_cs                  ? 
_pdbx_database_status.methods_development_category    ? 
_pdbx_database_status.status_code_nmr_data            ? 
# 
loop_
_pdbx_database_related.db_name 
_pdbx_database_related.db_id 
_pdbx_database_related.content_type 
_pdbx_database_related.details 
PDB 1UOA unspecified 'AFTER 3NS' 
PDB 1TAW unspecified 'BOVINE TRYPSIN COMPLEXED TO APPI' 
PDB 1QCM unspecified 'AMYLOID BETA PEPTIDE (25-35), NMR, 20 STRUCTURES' 
PDB 1TKN unspecified 
'SOLUTION STRUCTURE OF CAPPD*, AN INDEPENDENTLY FOLDEDEXTRACELLULAR DOMAIN OF HUMAN AMYLOID-BETA PRECURSORPROTEIN' 
PDB 1BA6 unspecified 
;SOLUTION STRUCTURE OF THE METHIONINE-OXIDIZED AMYLOID BETA-PEPTIDE (1-40). DOES OXIDATION AFFECT CONFORMATIONAL SWITCHING? NMR, 10 STRUCTURES
;
PDB 1QYT unspecified 'SOLUTION STRUCTURE OF FRAGMENT (25-35) OF BETA AMYLOIDPEPTIDE IN SDS MICELLAR SOLUTION' 
PDB 1BJB unspecified 'SOLUTION NMR STRUCTURE OF AMYLOID BETA[E16], RESIDUES 1-28, 14 STRUCTURES' 
PDB 2Y3L unspecified 'STRUCTURE OF SEGMENT MVGGVVIA FROM THE AMYLOID-BETA PEPTIDE (AB, RESIDUES 35-42), ALTERNATE POLYMORPH 2' 
PDB 2Y2A unspecified 'STRUCTURE OF SEGMENT KLVFFA FROM THE AMYLOID-BETA PEPTIDE (AB, RESIDUES 16-21), ALTERNATE POLYMORPH I' 
PDB 2Y3K unspecified 'STRUCTURE OF SEGMENT MVGGVVIA FROM THE AMYLOID-BETA PEPTIDE (AB, RESIDUES 35-42), ALTERNATE POLYMORPH 1' 
PDB 1CA0 unspecified 'BOVINE CHYMOTRYPSIN COMPLEXED TO APPI' 
PDB 1BRC unspecified . 
PDB 1UO8 unspecified 'AFTER 2NS' 
PDB 1BA4 unspecified 
;THE SOLUTION STRUCTURE OF AMYLOID BETA-PEPTIDE (1-40 ) IN A WATER-MICELLE ENVIRONMENT. IS THE MEMBRANE- SPANNING DOMAIN WHERE WE THINK IT IS? NMR, 10 STRUCTURES
;
PDB 2WK3 unspecified 'CRYSTAL STRUCTURE OF HUMAN INSULIN-DEGRADING ENZYME IN COMPLEX WITH AMYLOID-BETA (1-42)' 
PDB 1AAP unspecified . 
PDB 1QWP unspecified 'NMR ANALYSIS OF 25-35 FRAGMENT OF BETA AMYLOID PEPTIDE' 
PDB 1X11 unspecified 'X11 PTB DOMAIN' 
PDB 1ZE9 unspecified 
;ZINC-BINDING DOMAIN OF ALZHEIMER'S DISEASE AMYLOID BETA-PEPTIDE COMPLEXED WITH A ZINC (II) CATION
;
PDB 1QXC unspecified 'NMR STRUCTURE OF THE FRAGMENT 25-35 OF BETA AMYLOID PEPTIDEIN 20/80 V:V HEXAFLUOROISOPROPANOL/WATER MIXTURE' 
PDB 1IYT unspecified 
;SOLUTION STRUCTURE OF THE ALZHEIMER'S DISEASE AMYLOID BETA-PEPTIDE (1-42)
;
PDB 1ZE7 unspecified 
;ZINC-BINDING DOMAIN OF ALZHEIMER'S DISEASE AMYLOID BETA-PEPTIDE IN WATER SOLUTION AT PH 6.5
;
PDB 2BEG unspecified 
;3D STRUCTURE OF ALZHEIMER'S ABETA(1-42) FIBRILS
;
PDB 1UOI unspecified 'AFTER 4NS' 
PDB 1AMB unspecified 
;ALZHEIMER'S DISEASE AMYLOID BETA-PEPTIDE (RESIDUES 1 - 28) (NMR, MINIMIZED AVERAGE STRUCTURE)
;
PDB 1RW6 unspecified 'HUMAN APP CORE DOMAIN' 
PDB 1UO7 unspecified 'MOLECULAR DYNAMICS SIMULATION OF AMYLOID BETA 1-42 ( PDB: 1IYT) IN WATER' 
PDB 1OWT unspecified 
;STRUCTURE OF THE ALZHEIMER'S DISEASE AMYLOID PRECURSORPROTEIN COPPER BINDING DOMAIN
;
PDB 1AML unspecified 
;THE ALZHEIMER'S DISEASE AMYLOID A4 PEPTIDE (RESIDUES 1 -40)
;
PDB 1AMC unspecified 
;ALZHEIMER'S DISEASE AMYLOID BETA-PEPTIDE (RESIDUES 1 - 28) (NMR, 5 STRUCTURES)
;
PDB 1ZJD unspecified 
;CRYSTAL STRUCTURE OF THE CATALYTIC DOMAIN OF COAGULATIONFACTOR XI IN COMPLEX WITH KUNITZ PROTEASE INHIBITOR DOMAINOF PROTEASE NEXIN II
;
PDB 2BP4 unspecified 
;ZINC-BINDING DOMAIN OF ALZHEIMER'S DISEASE AMYLOID BETA-PEPTIDE IN TFE-WATER (80-20) SOLUTION
;
PDB 2BOM unspecified 
;MODEL OF ALZHEIMER'S DISEASE AMYLOID-SS PEPTIDE BASED ON A RNA BINDING PROTEIN
;
PDB 1BJC unspecified 'SOLUTION NMR STRUCTURE OF AMYLOID BETA[F16], RESIDUES 1-28, 15 STRUCTURES' 
PDB 1MWP unspecified 'N-TERMINAL DOMAIN OF THE AMYLOID PRECURSOR PROTEIN' 
PDB 2Y29 unspecified 'STRUCTURE OF SEGMENT KLVFFA FROM THE AMYLOID-BETA PEPTIDE (AB, RESIDUES 16-21), ALTERNATE POLYMORPH III' 
PDB 1HZ3 unspecified 
;ALZHEIMER'S DISEASE AMYLOID-BETA PEPTIDE (RESIDUES 10- 35)
;
# 
loop_
_audit_author.name 
_audit_author.pdbx_ordinal 
'Colletier, J.P.' 1 
'Laganowsky, A.'  2 
'Sawaya, M.R.'    3 
'Eisenberg, D.'   4 
# 
_citation.id                        primary 
_citation.title                     'Molecular Basis for Amyloid-{Beta} Polymorphism.' 
_citation.journal_abbrev            Proc.Natl.Acad.Sci.USA 
_citation.journal_volume            108 
_citation.page_first                16938 
_citation.page_last                 ? 
_citation.year                      2011 
_citation.journal_id_ASTM           PNASA6 
_citation.country                   US 
_citation.journal_id_ISSN           0027-8424 
_citation.journal_id_CSD            0040 
_citation.book_publisher            ? 
_citation.pdbx_database_id_PubMed   21949245 
_citation.pdbx_database_id_DOI      10.1073/PNAS.1112600108 
# 
loop_
_citation_author.citation_id 
_citation_author.name 
_citation_author.ordinal 
_citation_author.identifier_ORCID 
primary 'Colletier, J.'   1  ? 
primary 'Laganowsky, A.'  2  ? 
primary 'Landau, M.'      3  ? 
primary 'Zhao, M.'        4  ? 
primary 'Soriaga, A.B.'   5  ? 
primary 'Goldschmidt, L.' 6  ? 
primary 'Flot, D.'        7  ? 
primary 'Cascio, D.'      8  ? 
primary 'Sawaya, M.R.'    9  ? 
primary 'Eisenberg, D.'   10 ? 
# 
loop_
_entity.id 
_entity.type 
_entity.src_method 
_entity.pdbx_description 
_entity.formula_weight 
_entity.pdbx_number_of_molecules 
_entity.pdbx_ec 
_entity.pdbx_mutation 
_entity.pdbx_fragment 
_entity.details 
1 polymer syn 'AMYLOID BETA A4 PROTEIN' 616.814 8 ? ? 'RESIDUES 701-706' ? 
2 water   nat water                     18.015  2 ? ? ?                  ? 
# 
_entity_name_com.entity_id   1 
_entity_name_com.name        
;AMYLOID BETA PEPTIDE, ABPP, APPI, APP, ALZHEIMER DISEASE AMYLOID PROTEIN, CEREBRAL VASCULAR AMYLOID PEPTIDE, CVAP, PREA4, PROTEASE NEXIN-II, PN-II
;
# 
_entity_poly.entity_id                      1 
_entity_poly.type                           'polypeptide(L)' 
_entity_poly.nstd_linkage                   no 
_entity_poly.nstd_monomer                   no 
_entity_poly.pdbx_seq_one_letter_code       AIIGLM 
_entity_poly.pdbx_seq_one_letter_code_can   AIIGLM 
_entity_poly.pdbx_strand_id                 A,B,C,D,E,F,G,H 
_entity_poly.pdbx_target_identifier         ? 
# 
_pdbx_entity_nonpoly.entity_id   2 
_pdbx_entity_nonpoly.name        water 
_pdbx_entity_nonpoly.comp_id     HOH 
# 
loop_
_entity_poly_seq.entity_id 
_entity_poly_seq.num 
_entity_poly_seq.mon_id 
_entity_poly_seq.hetero 
1 1 ALA n 
1 2 ILE n 
1 3 ILE n 
1 4 GLY n 
1 5 LEU n 
1 6 MET n 
# 
_pdbx_entity_src_syn.entity_id              1 
_pdbx_entity_src_syn.pdbx_src_id            1 
_pdbx_entity_src_syn.pdbx_alt_source_flag   sample 
_pdbx_entity_src_syn.pdbx_beg_seq_num       ? 
_pdbx_entity_src_syn.pdbx_end_seq_num       ? 
_pdbx_entity_src_syn.organism_scientific    'HOMO SAPIENS' 
_pdbx_entity_src_syn.organism_common_name   HUMAN 
_pdbx_entity_src_syn.ncbi_taxonomy_id       9606 
_pdbx_entity_src_syn.details                ? 
# 
loop_
_chem_comp.id 
_chem_comp.type 
_chem_comp.mon_nstd_flag 
_chem_comp.name 
_chem_comp.pdbx_synonyms 
_chem_comp.formula 
_chem_comp.formula_weight 
ALA 'L-peptide linking' y ALANINE    ? 'C3 H7 N O2'    89.093  
GLY 'peptide linking'   y GLYCINE    ? 'C2 H5 N O2'    75.067  
HOH non-polymer         . WATER      ? 'H2 O'          18.015  
ILE 'L-peptide linking' y ISOLEUCINE ? 'C6 H13 N O2'   131.173 
LEU 'L-peptide linking' y LEUCINE    ? 'C6 H13 N O2'   131.173 
MET 'L-peptide linking' y METHIONINE ? 'C5 H11 N O2 S' 149.211 
# 
loop_
_pdbx_poly_seq_scheme.asym_id 
_pdbx_poly_seq_scheme.entity_id 
_pdbx_poly_seq_scheme.seq_id 
_pdbx_poly_seq_scheme.mon_id 
_pdbx_poly_seq_scheme.ndb_seq_num 
_pdbx_poly_seq_scheme.pdb_seq_num 
_pdbx_poly_seq_scheme.auth_seq_num 
_pdbx_poly_seq_scheme.pdb_mon_id 
_pdbx_poly_seq_scheme.auth_mon_id 
_pdbx_poly_seq_scheme.pdb_strand_id 
_pdbx_poly_seq_scheme.pdb_ins_code 
_pdbx_poly_seq_scheme.hetero 
A 1 1 ALA 1 1 1 ALA ALA A . n 
A 1 2 ILE 2 2 2 ILE ILE A . n 
A 1 3 ILE 3 3 3 ILE ILE A . n 
A 1 4 GLY 4 4 4 GLY GLY A . n 
A 1 5 LEU 5 5 5 LEU LEU A . n 
A 1 6 MET 6 6 6 MET MET A . n 
B 1 1 ALA 1 1 1 ALA ALA B . n 
B 1 2 ILE 2 2 2 ILE ILE B . n 
B 1 3 ILE 3 3 3 ILE ILE B . n 
B 1 4 GLY 4 4 4 GLY GLY B . n 
B 1 5 LEU 5 5 5 LEU LEU B . n 
B 1 6 MET 6 6 6 MET MET B . n 
C 1 1 ALA 1 1 1 ALA ALA C . n 
C 1 2 ILE 2 2 2 ILE ILE C . n 
C 1 3 ILE 3 3 3 ILE ILE C . n 
C 1 4 GLY 4 4 4 GLY GLY C . n 
C 1 5 LEU 5 5 5 LEU LEU C . n 
C 1 6 MET 6 6 6 MET MET C . n 
D 1 1 ALA 1 1 1 ALA ALA D . n 
D 1 2 ILE 2 2 2 ILE ILE D . n 
D 1 3 ILE 3 3 3 ILE ILE D . n 
D 1 4 GLY 4 4 4 GLY GLY D . n 
D 1 5 LEU 5 5 5 LEU LEU D . n 
D 1 6 MET 6 6 6 MET MET D . n 
E 1 1 ALA 1 1 1 ALA ALA E . n 
E 1 2 ILE 2 2 2 ILE ILE E . n 
E 1 3 ILE 3 3 3 ILE ILE E . n 
E 1 4 GLY 4 4 4 GLY GLY E . n 
E 1 5 LEU 5 5 5 LEU LEU E . n 
E 1 6 MET 6 6 6 MET MET E . n 
F 1 1 ALA 1 1 1 ALA ALA F . n 
F 1 2 ILE 2 2 2 ILE ILE F . n 
F 1 3 ILE 3 3 3 ILE ILE F . n 
F 1 4 GLY 4 4 4 GLY GLY F . n 
F 1 5 LEU 5 5 5 LEU LEU F . n 
F 1 6 MET 6 6 6 MET MET F . n 
G 1 1 ALA 1 1 1 ALA ALA G . n 
G 1 2 ILE 2 2 2 ILE ILE G . n 
G 1 3 ILE 3 3 3 ILE ILE G . n 
G 1 4 GLY 4 4 4 GLY GLY G . n 
G 1 5 LEU 5 5 5 LEU LEU G . n 
G 1 6 MET 6 6 6 MET MET G . n 
H 1 1 ALA 1 1 1 ALA ALA H . n 
H 1 2 ILE 2 2 2 ILE ILE H . n 
H 1 3 ILE 3 3 3 ILE ILE H . n 
H 1 4 GLY 4 4 4 GLY GLY H . n 
H 1 5 LEU 5 5 5 LEU LEU H . n 
H 1 6 MET 6 6 6 MET MET H . n 
# 
loop_
_pdbx_nonpoly_scheme.asym_id 
_pdbx_nonpoly_scheme.entity_id 
_pdbx_nonpoly_scheme.mon_id 
_pdbx_nonpoly_scheme.ndb_seq_num 
_pdbx_nonpoly_scheme.pdb_seq_num 
_pdbx_nonpoly_scheme.auth_seq_num 
_pdbx_nonpoly_scheme.pdb_mon_id 
_pdbx_nonpoly_scheme.auth_mon_id 
_pdbx_nonpoly_scheme.pdb_strand_id 
_pdbx_nonpoly_scheme.pdb_ins_code 
I 2 HOH 1 2001 2001 HOH HOH B . 
J 2 HOH 1 2001 2001 HOH HOH E . 
# 
loop_
_software.name 
_software.classification 
_software.version 
_software.citation_id 
_software.pdbx_ordinal 
REFMAC refinement       5.6.0081 ? 1 
XDS    'data reduction' .        ? 2 
XSCALE 'data scaling'   .        ? 3 
PHASER phasing          .        ? 4 
# 
_cell.entry_id           2Y3J 
_cell.length_a           9.560 
_cell.length_b           15.640 
_cell.length_c           45.230 
_cell.angle_alpha        89.87 
_cell.angle_beta         90.02 
_cell.angle_gamma        89.91 
_cell.Z_PDB              8 
_cell.pdbx_unique_axis   ? 
# 
_symmetry.entry_id                         2Y3J 
_symmetry.space_group_name_H-M             'P 1' 
_symmetry.pdbx_full_space_group_name_H-M   ? 
_symmetry.cell_setting                     ? 
_symmetry.Int_Tables_number                1 
# 
_exptl.entry_id          2Y3J 
_exptl.method            'X-RAY DIFFRACTION' 
_exptl.crystals_number   2 
# 
_exptl_crystal.id                    1 
_exptl_crystal.density_meas          ? 
_exptl_crystal.density_Matthews      1.41 
_exptl_crystal.density_percent_sol   13.04 
_exptl_crystal.description           NONE 
# 
_exptl_crystal_grow.crystal_id      1 
_exptl_crystal_grow.method          ? 
_exptl_crystal_grow.temp            ? 
_exptl_crystal_grow.temp_details    ? 
_exptl_crystal_grow.pH              7 
_exptl_crystal_grow.pdbx_pH_range   ? 
_exptl_crystal_grow.pdbx_details    'AB3035 WAS DISSOLVED IN WATER AT 1MG/ML AND MIXED WITH 2 M SODIUM CHLORIDE, pH 7' 
# 
_diffrn.id                     1 
_diffrn.ambient_temp           100 
_diffrn.ambient_temp_details   ? 
_diffrn.crystal_id             1 
# 
_diffrn_detector.diffrn_id              1 
_diffrn_detector.detector               CCD 
_diffrn_detector.type                   'MARMOSAIC 225 mm CCD' 
_diffrn_detector.pdbx_collection_date   ? 
_diffrn_detector.details                ? 
# 
_diffrn_radiation.diffrn_id                        1 
_diffrn_radiation.wavelength_id                    1 
_diffrn_radiation.pdbx_monochromatic_or_laue_m_l   M 
_diffrn_radiation.monochromator                    ? 
_diffrn_radiation.pdbx_diffrn_protocol             'SINGLE WAVELENGTH' 
_diffrn_radiation.pdbx_scattering_type             x-ray 
# 
_diffrn_radiation_wavelength.id           1 
_diffrn_radiation_wavelength.wavelength   0.87260 
_diffrn_radiation_wavelength.wt           1.0 
# 
_diffrn_source.diffrn_id                   1 
_diffrn_source.source                      SYNCHROTRON 
_diffrn_source.type                        'ESRF BEAMLINE ID23-2' 
_diffrn_source.pdbx_synchrotron_site       ESRF 
_diffrn_source.pdbx_synchrotron_beamline   ID23-2 
_diffrn_source.pdbx_wavelength             0.87260 
_diffrn_source.pdbx_wavelength_list        ? 
# 
_reflns.pdbx_diffrn_id               1 
_reflns.pdbx_ordinal                 1 
_reflns.entry_id                     2Y3J 
_reflns.observed_criterion_sigma_I   2.0 
_reflns.observed_criterion_sigma_F   ? 
_reflns.d_resolution_low             45.23 
_reflns.d_resolution_high            2.00 
_reflns.number_obs                   1679 
_reflns.number_all                   ? 
_reflns.percent_possible_obs         97.5 
_reflns.pdbx_Rmerge_I_obs            0.10 
_reflns.pdbx_Rsym_value              ? 
_reflns.pdbx_netI_over_sigmaI        4.91 
_reflns.B_iso_Wilson_estimate        14.79 
_reflns.pdbx_redundancy              1.73 
# 
_reflns_shell.pdbx_diffrn_id         1 
_reflns_shell.pdbx_ordinal           1 
_reflns_shell.d_res_high             2.00 
_reflns_shell.d_res_low              2.05 
_reflns_shell.percent_possible_all   88.5 
_reflns_shell.Rmerge_I_obs           0.19 
_reflns_shell.pdbx_Rsym_value        ? 
_reflns_shell.meanI_over_sigI_obs    2.11 
_reflns_shell.pdbx_redundancy        1.63 
# 
_refine.pdbx_refine_id                           'X-RAY DIFFRACTION' 
_refine.entry_id                                 2Y3J 
_refine.pdbx_diffrn_id                           1 
_refine.pdbx_TLS_residual_ADP_flag               ? 
_refine.ls_number_reflns_obs                     1679 
_refine.ls_number_reflns_all                     ? 
_refine.pdbx_ls_sigma_I                          ? 
_refine.pdbx_ls_sigma_F                          . 
_refine.pdbx_data_cutoff_high_absF               ? 
_refine.pdbx_data_cutoff_low_absF                ? 
_refine.pdbx_data_cutoff_high_rms_absF           ? 
_refine.ls_d_res_low                             45.23 
_refine.ls_d_res_high                            1.99 
_refine.ls_percent_reflns_obs                    97.54 
_refine.ls_R_factor_obs                          0.22462 
_refine.ls_R_factor_all                          ? 
_refine.ls_R_factor_R_work                       0.22194 
_refine.ls_R_factor_R_free                       0.26710 
_refine.ls_R_factor_R_free_error                 ? 
_refine.ls_R_factor_R_free_error_details         ? 
_refine.ls_percent_reflns_R_free                 3.6 
_refine.ls_number_reflns_R_free                  62 
_refine.ls_number_parameters                     ? 
_refine.ls_number_restraints                     ? 
_refine.occupancy_min                            ? 
_refine.occupancy_max                            ? 
_refine.correlation_coeff_Fo_to_Fc               0.935 
_refine.correlation_coeff_Fo_to_Fc_free          0.950 
_refine.B_iso_mean                               23.107 
_refine.aniso_B[1][1]                            13.20 
_refine.aniso_B[2][2]                            -0.79 
_refine.aniso_B[3][3]                            -12.41 
_refine.aniso_B[1][2]                            -2.81 
_refine.aniso_B[1][3]                            -3.49 
_refine.aniso_B[2][3]                            -2.71 
_refine.solvent_model_details                    MASK 
_refine.solvent_model_param_ksol                 ? 
_refine.solvent_model_param_bsol                 ? 
_refine.pdbx_solvent_vdw_probe_radii             1.20 
_refine.pdbx_solvent_ion_probe_radii             0.80 
_refine.pdbx_solvent_shrinkage_radii             0.80 
_refine.pdbx_ls_cross_valid_method               THROUGHOUT 
_refine.details                                  'HYDROGENS HAVE BEEN ADDED IN THE RIDING POSITIONS.' 
_refine.pdbx_starting_model                      ? 
_refine.pdbx_method_to_determine_struct          'MOLECULAR REPLACEMENT' 
_refine.pdbx_isotropic_thermal_model             ? 
_refine.pdbx_stereochemistry_target_values       'MAXIMUM LIKELIHOOD' 
_refine.pdbx_stereochem_target_val_spec_case     ? 
_refine.pdbx_R_Free_selection_details            RANDOM 
_refine.pdbx_overall_ESU_R                       0.098 
_refine.pdbx_overall_ESU_R_Free                  0.052 
_refine.overall_SU_ML                            0.047 
_refine.pdbx_overall_phase_error                 ? 
_refine.overall_SU_B                             1.600 
_refine.overall_SU_R_Cruickshank_DPI             ? 
_refine.pdbx_overall_SU_R_free_Cruickshank_DPI   ? 
_refine.pdbx_overall_SU_R_Blow_DPI               ? 
_refine.pdbx_overall_SU_R_free_Blow_DPI          ? 
# 
_refine_hist.pdbx_refine_id                   'X-RAY DIFFRACTION' 
_refine_hist.cycle_id                         LAST 
_refine_hist.pdbx_number_atoms_protein        336 
_refine_hist.pdbx_number_atoms_nucleic_acid   0 
_refine_hist.pdbx_number_atoms_ligand         0 
_refine_hist.number_atoms_solvent             2 
_refine_hist.number_atoms_total               338 
_refine_hist.d_res_high                       1.99 
_refine_hist.d_res_low                        45.23 
# 
loop_
_refine_ls_restr.type 
_refine_ls_restr.dev_ideal 
_refine_ls_restr.dev_ideal_target 
_refine_ls_restr.weight 
_refine_ls_restr.number 
_refine_ls_restr.pdbx_refine_id 
_refine_ls_restr.pdbx_restraint_function 
r_bond_refined_d             0.019  0.023  ? 328 'X-RAY DIFFRACTION' ? 
r_bond_other_d               ?      ?      ? ?   'X-RAY DIFFRACTION' ? 
r_angle_refined_deg          2.710  2.135  ? 432 'X-RAY DIFFRACTION' ? 
r_angle_other_deg            ?      ?      ? ?   'X-RAY DIFFRACTION' ? 
r_dihedral_angle_1_deg       9.574  5.000  ? 40  'X-RAY DIFFRACTION' ? 
r_dihedral_angle_2_deg       ?      ?      ? ?   'X-RAY DIFFRACTION' ? 
r_dihedral_angle_3_deg       28.434 15.000 ? 72  'X-RAY DIFFRACTION' ? 
r_dihedral_angle_4_deg       ?      ?      ? ?   'X-RAY DIFFRACTION' ? 
r_chiral_restr               0.182  0.200  ? 64  'X-RAY DIFFRACTION' ? 
r_gen_planes_refined         0.008  0.020  ? 192 'X-RAY DIFFRACTION' ? 
r_gen_planes_other           ?      ?      ? ?   'X-RAY DIFFRACTION' ? 
r_nbd_refined                ?      ?      ? ?   'X-RAY DIFFRACTION' ? 
r_nbd_other                  ?      ?      ? ?   'X-RAY DIFFRACTION' ? 
r_nbtor_refined              ?      ?      ? ?   'X-RAY DIFFRACTION' ? 
r_nbtor_other                ?      ?      ? ?   'X-RAY DIFFRACTION' ? 
r_xyhbond_nbd_refined        ?      ?      ? ?   'X-RAY DIFFRACTION' ? 
r_xyhbond_nbd_other          ?      ?      ? ?   'X-RAY DIFFRACTION' ? 
r_metal_ion_refined          ?      ?      ? ?   'X-RAY DIFFRACTION' ? 
r_metal_ion_other            ?      ?      ? ?   'X-RAY DIFFRACTION' ? 
r_symmetry_vdw_refined       ?      ?      ? ?   'X-RAY DIFFRACTION' ? 
r_symmetry_vdw_other         ?      ?      ? ?   'X-RAY DIFFRACTION' ? 
r_symmetry_hbond_refined     ?      ?      ? ?   'X-RAY DIFFRACTION' ? 
r_symmetry_hbond_other       ?      ?      ? ?   'X-RAY DIFFRACTION' ? 
r_symmetry_metal_ion_refined ?      ?      ? ?   'X-RAY DIFFRACTION' ? 
r_symmetry_metal_ion_other   ?      ?      ? ?   'X-RAY DIFFRACTION' ? 
r_mcbond_it                  ?      ?      ? ?   'X-RAY DIFFRACTION' ? 
r_mcbond_other               ?      ?      ? ?   'X-RAY DIFFRACTION' ? 
r_mcangle_it                 ?      ?      ? ?   'X-RAY DIFFRACTION' ? 
r_mcangle_other              ?      ?      ? ?   'X-RAY DIFFRACTION' ? 
r_scbond_it                  ?      ?      ? ?   'X-RAY DIFFRACTION' ? 
r_scbond_other               ?      ?      ? ?   'X-RAY DIFFRACTION' ? 
r_scangle_it                 ?      ?      ? ?   'X-RAY DIFFRACTION' ? 
r_scangle_other              ?      ?      ? ?   'X-RAY DIFFRACTION' ? 
r_long_range_B_refined       ?      ?      ? ?   'X-RAY DIFFRACTION' ? 
r_long_range_B_other         ?      ?      ? ?   'X-RAY DIFFRACTION' ? 
r_rigid_bond_restr           ?      ?      ? ?   'X-RAY DIFFRACTION' ? 
r_sphericity_free            ?      ?      ? ?   'X-RAY DIFFRACTION' ? 
r_sphericity_bonded          ?      ?      ? ?   'X-RAY DIFFRACTION' ? 
# 
_refine_ls_shell.pdbx_refine_id                   'X-RAY DIFFRACTION' 
_refine_ls_shell.pdbx_total_number_of_bins_used   20 
_refine_ls_shell.d_res_high                       1.995 
_refine_ls_shell.d_res_low                        2.047 
_refine_ls_shell.number_reflns_R_work             132 
_refine_ls_shell.R_factor_R_work                  0.137 
_refine_ls_shell.percent_reflns_obs               88.59 
_refine_ls_shell.R_factor_R_free                  0.000 
_refine_ls_shell.R_factor_R_free_error            ? 
_refine_ls_shell.percent_reflns_R_free            ? 
_refine_ls_shell.number_reflns_R_free             0 
_refine_ls_shell.number_reflns_all                ? 
_refine_ls_shell.R_factor_all                     ? 
# 
_struct.entry_id                  2Y3J 
_struct.title                     'Structure of segment AIIGLM from the amyloid-beta peptide (Ab, residues 30-35)' 
_struct.pdbx_model_details        ? 
_struct.pdbx_CASP_flag            ? 
_struct.pdbx_model_type_details   ? 
# 
_struct_keywords.entry_id        2Y3J 
_struct_keywords.pdbx_keywords   'PROTEIN FIBRIL' 
_struct_keywords.text            'PROTEIN FIBRIL, ALZHEIMER DISEASE' 
# 
loop_
_struct_asym.id 
_struct_asym.pdbx_blank_PDB_chainid_flag 
_struct_asym.pdbx_modified 
_struct_asym.entity_id 
_struct_asym.details 
A N N 1 ? 
B N N 1 ? 
C N N 1 ? 
D N N 1 ? 
E N N 1 ? 
F N N 1 ? 
G N N 1 ? 
H N N 1 ? 
I N N 2 ? 
J N N 2 ? 
# 
_struct_ref.id                         1 
_struct_ref.db_name                    UNP 
_struct_ref.db_code                    A4_HUMAN 
_struct_ref.entity_id                  1 
_struct_ref.pdbx_seq_one_letter_code   ? 
_struct_ref.pdbx_align_begin           ? 
_struct_ref.pdbx_db_accession          P05067 
_struct_ref.pdbx_db_isoform            ? 
# 
loop_
_struct_ref_seq.align_id 
_struct_ref_seq.ref_id 
_struct_ref_seq.pdbx_PDB_id_code 
_struct_ref_seq.pdbx_strand_id 
_struct_ref_seq.seq_align_beg 
_struct_ref_seq.pdbx_seq_align_beg_ins_code 
_struct_ref_seq.seq_align_end 
_struct_ref_seq.pdbx_seq_align_end_ins_code 
_struct_ref_seq.pdbx_db_accession 
_struct_ref_seq.db_align_beg 
_struct_ref_seq.pdbx_db_align_beg_ins_code 
_struct_ref_seq.db_align_end 
_struct_ref_seq.pdbx_db_align_end_ins_code 
_struct_ref_seq.pdbx_auth_seq_align_beg 
_struct_ref_seq.pdbx_auth_seq_align_end 
1 1 2Y3J A 1 ? 6 ? P05067 701 ? 706 ? 1 6 
2 1 2Y3J B 1 ? 6 ? P05067 701 ? 706 ? 1 6 
3 1 2Y3J C 1 ? 6 ? P05067 701 ? 706 ? 1 6 
4 1 2Y3J D 1 ? 6 ? P05067 701 ? 706 ? 1 6 
5 1 2Y3J E 1 ? 6 ? P05067 701 ? 706 ? 1 6 
6 1 2Y3J F 1 ? 6 ? P05067 701 ? 706 ? 1 6 
7 1 2Y3J G 1 ? 6 ? P05067 701 ? 706 ? 1 6 
8 1 2Y3J H 1 ? 6 ? P05067 701 ? 706 ? 1 6 
# 
loop_
_pdbx_struct_assembly.id 
_pdbx_struct_assembly.details 
_pdbx_struct_assembly.method_details 
_pdbx_struct_assembly.oligomeric_details 
_pdbx_struct_assembly.oligomeric_count 
1 author_and_software_defined_assembly PISA tetrameric 4 
2 author_and_software_defined_assembly PISA tetrameric 4 
# 
loop_
_pdbx_struct_assembly_prop.biol_id 
_pdbx_struct_assembly_prop.type 
_pdbx_struct_assembly_prop.value 
_pdbx_struct_assembly_prop.details 
1 'ABSA (A^2)' 1910  ? 
1 MORE         -18.8 ? 
1 'SSA (A^2)'  2410  ? 
2 'ABSA (A^2)' 1970  ? 
2 MORE         -18.8 ? 
2 'SSA (A^2)'  2390  ? 
# 
loop_
_pdbx_struct_assembly_gen.assembly_id 
_pdbx_struct_assembly_gen.oper_expression 
_pdbx_struct_assembly_gen.asym_id_list 
1 1 A,B,C,D,I 
2 1 E,F,G,H,J 
# 
_pdbx_struct_oper_list.id                   1 
_pdbx_struct_oper_list.type                 'identity operation' 
_pdbx_struct_oper_list.name                 1_555 
_pdbx_struct_oper_list.symmetry_operation   x,y,z 
_pdbx_struct_oper_list.matrix[1][1]         1.0000000000 
_pdbx_struct_oper_list.matrix[1][2]         0.0000000000 
_pdbx_struct_oper_list.matrix[1][3]         0.0000000000 
_pdbx_struct_oper_list.vector[1]            0.0000000000 
_pdbx_struct_oper_list.matrix[2][1]         0.0000000000 
_pdbx_struct_oper_list.matrix[2][2]         1.0000000000 
_pdbx_struct_oper_list.matrix[2][3]         0.0000000000 
_pdbx_struct_oper_list.vector[2]            0.0000000000 
_pdbx_struct_oper_list.matrix[3][1]         0.0000000000 
_pdbx_struct_oper_list.matrix[3][2]         0.0000000000 
_pdbx_struct_oper_list.matrix[3][3]         1.0000000000 
_pdbx_struct_oper_list.vector[3]            0.0000000000 
# 
_struct_biol.id   1 
# 
loop_
_struct_sheet.id 
_struct_sheet.type 
_struct_sheet.number_strands 
_struct_sheet.details 
AA ? 2 ? 
BA ? 2 ? 
EA ? 2 ? 
FA ? 2 ? 
# 
loop_
_struct_sheet_order.sheet_id 
_struct_sheet_order.range_id_1 
_struct_sheet_order.range_id_2 
_struct_sheet_order.offset 
_struct_sheet_order.sense 
AA 1 2 ? parallel 
BA 1 2 ? parallel 
EA 1 2 ? parallel 
FA 1 2 ? parallel 
# 
loop_
_struct_sheet_range.sheet_id 
_struct_sheet_range.id 
_struct_sheet_range.beg_label_comp_id 
_struct_sheet_range.beg_label_asym_id 
_struct_sheet_range.beg_label_seq_id 
_struct_sheet_range.pdbx_beg_PDB_ins_code 
_struct_sheet_range.end_label_comp_id 
_struct_sheet_range.end_label_asym_id 
_struct_sheet_range.end_label_seq_id 
_struct_sheet_range.pdbx_end_PDB_ins_code 
_struct_sheet_range.beg_auth_comp_id 
_struct_sheet_range.beg_auth_asym_id 
_struct_sheet_range.beg_auth_seq_id 
_struct_sheet_range.end_auth_comp_id 
_struct_sheet_range.end_auth_asym_id 
_struct_sheet_range.end_auth_seq_id 
AA 1 ILE A 2 ? LEU A 5 ? ILE A 2 LEU A 5 
AA 2 ILE C 2 ? LEU C 5 ? ILE C 2 LEU C 5 
BA 1 ILE B 2 ? LEU B 5 ? ILE B 2 LEU B 5 
BA 2 ILE D 2 ? LEU D 5 ? ILE D 2 LEU D 5 
EA 1 ILE E 2 ? LEU E 5 ? ILE E 2 LEU E 5 
EA 2 ILE G 2 ? LEU G 5 ? ILE G 2 LEU G 5 
FA 1 ILE F 2 ? LEU F 5 ? ILE F 2 LEU F 5 
FA 2 ILE H 2 ? LEU H 5 ? ILE H 2 LEU H 5 
# 
loop_
_pdbx_struct_sheet_hbond.sheet_id 
_pdbx_struct_sheet_hbond.range_id_1 
_pdbx_struct_sheet_hbond.range_id_2 
_pdbx_struct_sheet_hbond.range_1_label_atom_id 
_pdbx_struct_sheet_hbond.range_1_label_comp_id 
_pdbx_struct_sheet_hbond.range_1_label_asym_id 
_pdbx_struct_sheet_hbond.range_1_label_seq_id 
_pdbx_struct_sheet_hbond.range_1_PDB_ins_code 
_pdbx_struct_sheet_hbond.range_1_auth_atom_id 
_pdbx_struct_sheet_hbond.range_1_auth_comp_id 
_pdbx_struct_sheet_hbond.range_1_auth_asym_id 
_pdbx_struct_sheet_hbond.range_1_auth_seq_id 
_pdbx_struct_sheet_hbond.range_2_label_atom_id 
_pdbx_struct_sheet_hbond.range_2_label_comp_id 
_pdbx_struct_sheet_hbond.range_2_label_asym_id 
_pdbx_struct_sheet_hbond.range_2_label_seq_id 
_pdbx_struct_sheet_hbond.range_2_PDB_ins_code 
_pdbx_struct_sheet_hbond.range_2_auth_atom_id 
_pdbx_struct_sheet_hbond.range_2_auth_comp_id 
_pdbx_struct_sheet_hbond.range_2_auth_asym_id 
_pdbx_struct_sheet_hbond.range_2_auth_seq_id 
AA 1 2 N GLY A 4 ? N GLY A 4 O ILE C 3 ? O ILE C 3 
BA 1 2 N ILE B 3 ? N ILE B 3 O ILE D 2 ? O ILE D 2 
EA 1 2 N GLY E 4 ? N GLY E 4 O ILE G 3 ? O ILE G 3 
FA 1 2 N ILE F 3 ? N ILE F 3 O ILE H 2 ? O ILE H 2 
# 
loop_
_pdbx_validate_rmsd_angle.id 
_pdbx_validate_rmsd_angle.PDB_model_num 
_pdbx_validate_rmsd_angle.auth_atom_id_1 
_pdbx_validate_rmsd_angle.auth_asym_id_1 
_pdbx_validate_rmsd_angle.auth_comp_id_1 
_pdbx_validate_rmsd_angle.auth_seq_id_1 
_pdbx_validate_rmsd_angle.PDB_ins_code_1 
_pdbx_validate_rmsd_angle.label_alt_id_1 
_pdbx_validate_rmsd_angle.auth_atom_id_2 
_pdbx_validate_rmsd_angle.auth_asym_id_2 
_pdbx_validate_rmsd_angle.auth_comp_id_2 
_pdbx_validate_rmsd_angle.auth_seq_id_2 
_pdbx_validate_rmsd_angle.PDB_ins_code_2 
_pdbx_validate_rmsd_angle.label_alt_id_2 
_pdbx_validate_rmsd_angle.auth_atom_id_3 
_pdbx_validate_rmsd_angle.auth_asym_id_3 
_pdbx_validate_rmsd_angle.auth_comp_id_3 
_pdbx_validate_rmsd_angle.auth_seq_id_3 
_pdbx_validate_rmsd_angle.PDB_ins_code_3 
_pdbx_validate_rmsd_angle.label_alt_id_3 
_pdbx_validate_rmsd_angle.angle_value 
_pdbx_validate_rmsd_angle.angle_target_value 
_pdbx_validate_rmsd_angle.angle_deviation 
_pdbx_validate_rmsd_angle.angle_standard_deviation 
_pdbx_validate_rmsd_angle.linker_flag 
1 1 CA  D LEU 5 ? ? CB D LEU 5 ? ? CG  D LEU 5 ? ? 131.43 115.30 16.13  2.30 N 
2 1 CG1 F ILE 2 ? ? CB F ILE 2 ? ? CG2 F ILE 2 ? ? 97.32  111.40 -14.08 2.20 N 
3 1 CA  H LEU 5 ? ? CB H LEU 5 ? ? CG  H LEU 5 ? ? 130.02 115.30 14.72  2.30 N 
# 
_pdbx_entry_details.entry_id                 2Y3J 
_pdbx_entry_details.compound_details         ? 
_pdbx_entry_details.source_details           ? 
_pdbx_entry_details.nonpolymer_details       ? 
_pdbx_entry_details.sequence_details         
;AMYLOID BETA PEPTIDE (AB) IS A PROTEOLYTIC PRODUCT OF THE
AMYLOID PRECURSOR PROTEIN (APP). AB SEGMENT 30-AIIGLM-35
CORRESPONDS TO RESIDUES 701-706 OF APP
;
_pdbx_entry_details.has_ligand_of_interest   ? 
# 
loop_
_chem_comp_atom.comp_id 
_chem_comp_atom.atom_id 
_chem_comp_atom.type_symbol 
_chem_comp_atom.pdbx_aromatic_flag 
_chem_comp_atom.pdbx_stereo_config 
_chem_comp_atom.pdbx_ordinal 
ALA N    N N N 1  
ALA CA   C N S 2  
ALA C    C N N 3  
ALA O    O N N 4  
ALA CB   C N N 5  
ALA OXT  O N N 6  
ALA H    H N N 7  
ALA H2   H N N 8  
ALA HA   H N N 9  
ALA HB1  H N N 10 
ALA HB2  H N N 11 
ALA HB3  H N N 12 
ALA HXT  H N N 13 
GLY N    N N N 14 
GLY CA   C N N 15 
GLY C    C N N 16 
GLY O    O N N 17 
GLY OXT  O N N 18 
GLY H    H N N 19 
GLY H2   H N N 20 
GLY HA2  H N N 21 
GLY HA3  H N N 22 
GLY HXT  H N N 23 
HOH O    O N N 24 
HOH H1   H N N 25 
HOH H2   H N N 26 
ILE N    N N N 27 
ILE CA   C N S 28 
ILE C    C N N 29 
ILE O    O N N 30 
ILE CB   C N S 31 
ILE CG1  C N N 32 
ILE CG2  C N N 33 
ILE CD1  C N N 34 
ILE OXT  O N N 35 
ILE H    H N N 36 
ILE H2   H N N 37 
ILE HA   H N N 38 
ILE HB   H N N 39 
ILE HG12 H N N 40 
ILE HG13 H N N 41 
ILE HG21 H N N 42 
ILE HG22 H N N 43 
ILE HG23 H N N 44 
ILE HD11 H N N 45 
ILE HD12 H N N 46 
ILE HD13 H N N 47 
ILE HXT  H N N 48 
LEU N    N N N 49 
LEU CA   C N S 50 
LEU C    C N N 51 
LEU O    O N N 52 
LEU CB   C N N 53 
LEU CG   C N N 54 
LEU CD1  C N N 55 
LEU CD2  C N N 56 
LEU OXT  O N N 57 
LEU H    H N N 58 
LEU H2   H N N 59 
LEU HA   H N N 60 
LEU HB2  H N N 61 
LEU HB3  H N N 62 
LEU HG   H N N 63 
LEU HD11 H N N 64 
LEU HD12 H N N 65 
LEU HD13 H N N 66 
LEU HD21 H N N 67 
LEU HD22 H N N 68 
LEU HD23 H N N 69 
LEU HXT  H N N 70 
MET N    N N N 71 
MET CA   C N S 72 
MET C    C N N 73 
MET O    O N N 74 
MET CB   C N N 75 
MET CG   C N N 76 
MET SD   S N N 77 
MET CE   C N N 78 
MET OXT  O N N 79 
MET H    H N N 80 
MET H2   H N N 81 
MET HA   H N N 82 
MET HB2  H N N 83 
MET HB3  H N N 84 
MET HG2  H N N 85 
MET HG3  H N N 86 
MET HE1  H N N 87 
MET HE2  H N N 88 
MET HE3  H N N 89 
MET HXT  H N N 90 
# 
loop_
_chem_comp_bond.comp_id 
_chem_comp_bond.atom_id_1 
_chem_comp_bond.atom_id_2 
_chem_comp_bond.value_order 
_chem_comp_bond.pdbx_aromatic_flag 
_chem_comp_bond.pdbx_stereo_config 
_chem_comp_bond.pdbx_ordinal 
ALA N   CA   sing N N 1  
ALA N   H    sing N N 2  
ALA N   H2   sing N N 3  
ALA CA  C    sing N N 4  
ALA CA  CB   sing N N 5  
ALA CA  HA   sing N N 6  
ALA C   O    doub N N 7  
ALA C   OXT  sing N N 8  
ALA CB  HB1  sing N N 9  
ALA CB  HB2  sing N N 10 
ALA CB  HB3  sing N N 11 
ALA OXT HXT  sing N N 12 
GLY N   CA   sing N N 13 
GLY N   H    sing N N 14 
GLY N   H2   sing N N 15 
GLY CA  C    sing N N 16 
GLY CA  HA2  sing N N 17 
GLY CA  HA3  sing N N 18 
GLY C   O    doub N N 19 
GLY C   OXT  sing N N 20 
GLY OXT HXT  sing N N 21 
HOH O   H1   sing N N 22 
HOH O   H2   sing N N 23 
ILE N   CA   sing N N 24 
ILE N   H    sing N N 25 
ILE N   H2   sing N N 26 
ILE CA  C    sing N N 27 
ILE CA  CB   sing N N 28 
ILE CA  HA   sing N N 29 
ILE C   O    doub N N 30 
ILE C   OXT  sing N N 31 
ILE CB  CG1  sing N N 32 
ILE CB  CG2  sing N N 33 
ILE CB  HB   sing N N 34 
ILE CG1 CD1  sing N N 35 
ILE CG1 HG12 sing N N 36 
ILE CG1 HG13 sing N N 37 
ILE CG2 HG21 sing N N 38 
ILE CG2 HG22 sing N N 39 
ILE CG2 HG23 sing N N 40 
ILE CD1 HD11 sing N N 41 
ILE CD1 HD12 sing N N 42 
ILE CD1 HD13 sing N N 43 
ILE OXT HXT  sing N N 44 
LEU N   CA   sing N N 45 
LEU N   H    sing N N 46 
LEU N   H2   sing N N 47 
LEU CA  C    sing N N 48 
LEU CA  CB   sing N N 49 
LEU CA  HA   sing N N 50 
LEU C   O    doub N N 51 
LEU C   OXT  sing N N 52 
LEU CB  CG   sing N N 53 
LEU CB  HB2  sing N N 54 
LEU CB  HB3  sing N N 55 
LEU CG  CD1  sing N N 56 
LEU CG  CD2  sing N N 57 
LEU CG  HG   sing N N 58 
LEU CD1 HD11 sing N N 59 
LEU CD1 HD12 sing N N 60 
LEU CD1 HD13 sing N N 61 
LEU CD2 HD21 sing N N 62 
LEU CD2 HD22 sing N N 63 
LEU CD2 HD23 sing N N 64 
LEU OXT HXT  sing N N 65 
MET N   CA   sing N N 66 
MET N   H    sing N N 67 
MET N   H2   sing N N 68 
MET CA  C    sing N N 69 
MET CA  CB   sing N N 70 
MET CA  HA   sing N N 71 
MET C   O    doub N N 72 
MET C   OXT  sing N N 73 
MET CB  CG   sing N N 74 
MET CB  HB2  sing N N 75 
MET CB  HB3  sing N N 76 
MET CG  SD   sing N N 77 
MET CG  HG2  sing N N 78 
MET CG  HG3  sing N N 79 
MET SD  CE   sing N N 80 
MET CE  HE1  sing N N 81 
MET CE  HE2  sing N N 82 
MET CE  HE3  sing N N 83 
MET OXT HXT  sing N N 84 
# 
loop_
_pdbx_reflns_twin.domain_id 
_pdbx_reflns_twin.crystal_id 
_pdbx_reflns_twin.diffrn_id 
_pdbx_reflns_twin.type 
_pdbx_reflns_twin.operator 
_pdbx_reflns_twin.fraction 
1 1 1 ? 'H, K, L'   0.875 
2 1 1 ? h,-k,-l     0.012 
3 1 1 ? -h,-k,l     0.051 
4 1 1 ? '-H, K, -L' 0.062 
# 
_atom_sites.entry_id                    2Y3J 
_atom_sites.fract_transf_matrix[1][1]   -0.05366817 
_atom_sites.fract_transf_matrix[1][2]   0.02052638 
_atom_sites.fract_transf_matrix[1][3]   0.08740830 
_atom_sites.fract_transf_matrix[2][1]   -0.05104721 
_atom_sites.fract_transf_matrix[2][2]   0.01570866 
_atom_sites.fract_transf_matrix[2][3]   -0.03515163 
_atom_sites.fract_transf_matrix[3][1]   -0.00688798 
_atom_sites.fract_transf_matrix[3][2]   -0.02099663 
_atom_sites.fract_transf_matrix[3][3]   0.00071089 
_atom_sites.fract_transf_vector[1]      -0.032999 
_atom_sites.fract_transf_vector[2]      0.506179 
_atom_sites.fract_transf_vector[3]      -0.471754 
# 
loop_
_atom_type.symbol 
C 
N 
O 
S 
# 
loop_
_atom_site.group_PDB 
_atom_site.id 
_atom_site.type_symbol 
_atom_site.label_atom_id 
_atom_site.label_alt_id 
_atom_site.label_comp_id 
_atom_site.label_asym_id 
_atom_site.label_entity_id 
_atom_site.label_seq_id 
_atom_site.pdbx_PDB_ins_code 
_atom_site.Cartn_x 
_atom_site.Cartn_y 
_atom_site.Cartn_z 
_atom_site.occupancy 
_atom_site.B_iso_or_equiv 
_atom_site.pdbx_formal_charge 
_atom_site.auth_seq_id 
_atom_site.auth_comp_id 
_atom_site.auth_asym_id 
_atom_site.auth_atom_id 
_atom_site.pdbx_PDB_model_num 
ATOM   1   N N   . ALA A 1 1 ? -4.732  -20.330 4.390  1.00 28.70 ? 1    ALA A N   1 
ATOM   2   C CA  . ALA A 1 1 ? -5.582  -19.111 4.422  1.00 26.55 ? 1    ALA A CA  1 
ATOM   3   C C   . ALA A 1 1 ? -4.862  -17.909 5.075  1.00 26.52 ? 1    ALA A C   1 
ATOM   4   O O   . ALA A 1 1 ? -5.152  -17.539 6.228  1.00 23.90 ? 1    ALA A O   1 
ATOM   5   C CB  . ALA A 1 1 ? -6.900  -19.425 5.124  1.00 26.03 ? 1    ALA A CB  1 
ATOM   6   N N   . ILE A 1 2 ? -3.944  -17.276 4.339  1.00 24.14 ? 2    ILE A N   1 
ATOM   7   C CA  . ILE A 1 2 ? -3.028  -16.296 4.969  1.00 29.63 ? 2    ILE A CA  1 
ATOM   8   C C   . ILE A 1 2 ? -2.725  -15.018 4.176  1.00 30.50 ? 2    ILE A C   1 
ATOM   9   O O   . ILE A 1 2 ? -1.968  -15.051 3.209  1.00 34.71 ? 2    ILE A O   1 
ATOM   10  C CB  . ILE A 1 2 ? -1.648  -16.929 5.313  1.00 29.16 ? 2    ILE A CB  1 
ATOM   11  C CG1 . ILE A 1 2 ? -1.759  -18.412 5.650  1.00 26.62 ? 2    ILE A CG1 1 
ATOM   12  C CG2 . ILE A 1 2 ? -0.943  -16.157 6.438  1.00 27.98 ? 2    ILE A CG2 1 
ATOM   13  C CD1 . ILE A 1 2 ? -0.385  -19.091 5.835  1.00 25.70 ? 2    ILE A CD1 1 
ATOM   14  N N   . ILE A 1 3 ? -3.268  -13.885 4.612  1.00 29.18 ? 3    ILE A N   1 
ATOM   15  C CA  . ILE A 1 3 ? -2.750  -12.605 4.111  1.00 31.18 ? 3    ILE A CA  1 
ATOM   16  C C   . ILE A 1 3 ? -2.005  -11.748 5.138  1.00 30.29 ? 3    ILE A C   1 
ATOM   17  O O   . ILE A 1 3 ? -2.362  -11.697 6.312  1.00 35.02 ? 3    ILE A O   1 
ATOM   18  C CB  . ILE A 1 3 ? -3.797  -11.765 3.356  1.00 31.43 ? 3    ILE A CB  1 
ATOM   19  C CG1 . ILE A 1 3 ? -4.803  -12.676 2.644  1.00 27.83 ? 3    ILE A CG1 1 
ATOM   20  C CG2 . ILE A 1 3 ? -3.085  -10.845 2.351  1.00 30.07 ? 3    ILE A CG2 1 
ATOM   21  C CD1 . ILE A 1 3 ? -5.586  -11.983 1.575  1.00 29.11 ? 3    ILE A CD1 1 
ATOM   22  N N   . GLY A 1 4 ? -0.962  -11.072 4.670  1.00 33.90 ? 4    GLY A N   1 
ATOM   23  C CA  . GLY A 1 4 ? -0.257  -10.075 5.463  1.00 36.57 ? 4    GLY A CA  1 
ATOM   24  C C   . GLY A 1 4 ? 0.009   -8.848  4.608  1.00 38.85 ? 4    GLY A C   1 
ATOM   25  O O   . GLY A 1 4 ? 0.877   -8.872  3.739  1.00 39.94 ? 4    GLY A O   1 
ATOM   26  N N   . LEU A 1 5 ? -0.747  -7.777  4.838  1.00 32.92 ? 5    LEU A N   1 
ATOM   27  C CA  . LEU A 1 5 ? -0.626  -6.586  3.985  1.00 37.12 ? 5    LEU A CA  1 
ATOM   28  C C   . LEU A 1 5 ? -0.260  -5.332  4.789  1.00 37.82 ? 5    LEU A C   1 
ATOM   29  O O   . LEU A 1 5 ? -0.732  -5.160  5.909  1.00 34.92 ? 5    LEU A O   1 
ATOM   30  C CB  . LEU A 1 5 ? -1.880  -6.403  3.102  1.00 32.01 ? 5    LEU A CB  1 
ATOM   31  C CG  . LEU A 1 5 ? -3.355  -6.549  3.539  1.00 30.59 ? 5    LEU A CG  1 
ATOM   32  C CD1 . LEU A 1 5 ? -4.258  -6.384  2.312  1.00 29.75 ? 5    LEU A CD1 1 
ATOM   33  C CD2 . LEU A 1 5 ? -3.685  -7.844  4.210  1.00 28.53 ? 5    LEU A CD2 1 
ATOM   34  N N   . MET A 1 6 ? 0.596   -4.475  4.229  1.00 45.92 ? 6    MET A N   1 
ATOM   35  C CA  . MET A 1 6 ? 1.147   -3.339  4.991  1.00 49.47 ? 6    MET A CA  1 
ATOM   36  C C   . MET A 1 6 ? 0.970   -1.939  4.396  1.00 55.70 ? 6    MET A C   1 
ATOM   37  O O   . MET A 1 6 ? 1.320   -1.646  3.256  1.00 57.22 ? 6    MET A O   1 
ATOM   38  C CB  . MET A 1 6 ? 2.623   -3.561  5.321  1.00 52.88 ? 6    MET A CB  1 
ATOM   39  C CG  . MET A 1 6 ? 2.840   -4.029  6.736  1.00 54.18 ? 6    MET A CG  1 
ATOM   40  S SD  . MET A 1 6 ? 4.247   -3.265  7.544  1.00 52.74 ? 6    MET A SD  1 
ATOM   41  C CE  . MET A 1 6 ? 5.579   -4.177  6.800  1.00 54.57 ? 6    MET A CE  1 
ATOM   42  O OXT . MET A 1 6 ? 0.489   -1.041  5.084  1.00 59.23 ? 6    MET A OXT 1 
ATOM   43  N N   . ALA B 1 1 ? -9.045  -18.959 -2.497 1.00 47.68 ? 1    ALA B N   1 
ATOM   44  C CA  . ALA B 1 1 ? -10.073 -17.876 -2.444 1.00 45.12 ? 1    ALA B CA  1 
ATOM   45  C C   . ALA B 1 1 ? -9.642  -16.757 -1.494 1.00 44.41 ? 1    ALA B C   1 
ATOM   46  O O   . ALA B 1 1 ? -10.252 -16.550 -0.437 1.00 41.86 ? 1    ALA B O   1 
ATOM   47  C CB  . ALA B 1 1 ? -11.429 -18.454 -2.029 1.00 44.06 ? 1    ALA B CB  1 
ATOM   48  N N   . ILE B 1 2 ? -8.578  -16.041 -1.855 1.00 38.56 ? 2    ILE B N   1 
ATOM   49  C CA  . ILE B 1 2 ? -8.043  -15.017 -0.949 1.00 39.13 ? 2    ILE B CA  1 
ATOM   50  C C   . ILE B 1 2 ? -7.558  -13.751 -1.676 1.00 33.93 ? 2    ILE B C   1 
ATOM   51  O O   . ILE B 1 2 ? -6.648  -13.803 -2.505 1.00 36.36 ? 2    ILE B O   1 
ATOM   52  C CB  . ILE B 1 2 ? -7.036  -15.615 0.127  1.00 37.62 ? 2    ILE B CB  1 
ATOM   53  C CG1 . ILE B 1 2 ? -5.577  -15.272 -0.137 1.00 38.33 ? 2    ILE B CG1 1 
ATOM   54  C CG2 . ILE B 1 2 ? -7.218  -17.141 0.312  1.00 35.15 ? 2    ILE B CG2 1 
ATOM   55  C CD1 . ILE B 1 2 ? -4.611  -15.883 0.882  1.00 44.57 ? 2    ILE B CD1 1 
ATOM   56  N N   . ILE B 1 3 ? -8.179  -12.618 -1.356 1.00 35.34 ? 3    ILE B N   1 
ATOM   57  C CA  . ILE B 1 3 ? -7.914  -11.340 -2.049 1.00 31.75 ? 3    ILE B CA  1 
ATOM   58  C C   . ILE B 1 3 ? -7.277  -10.251 -1.172 1.00 32.16 ? 3    ILE B C   1 
ATOM   59  O O   . ILE B 1 3 ? -7.775  -9.930  -0.087 1.00 37.48 ? 3    ILE B O   1 
ATOM   60  C CB  . ILE B 1 3 ? -9.222  -10.761 -2.662 1.00 30.19 ? 3    ILE B CB  1 
ATOM   61  C CG1 . ILE B 1 3 ? -9.774  -11.679 -3.747 1.00 29.81 ? 3    ILE B CG1 1 
ATOM   62  C CG2 . ILE B 1 3 ? -8.991  -9.390  -3.235 1.00 31.87 ? 3    ILE B CG2 1 
ATOM   63  C CD1 . ILE B 1 3 ? -10.776 -10.973 -4.673 1.00 26.57 ? 3    ILE B CD1 1 
ATOM   64  N N   . GLY B 1 4 ? -6.196  -9.651  -1.653 1.00 36.88 ? 4    GLY B N   1 
ATOM   65  C CA  . GLY B 1 4 ? -5.554  -8.574  -0.911 1.00 34.09 ? 4    GLY B CA  1 
ATOM   66  C C   . GLY B 1 4 ? -5.352  -7.346  -1.767 1.00 34.90 ? 4    GLY B C   1 
ATOM   67  O O   . GLY B 1 4 ? -4.472  -7.340  -2.631 1.00 34.18 ? 4    GLY B O   1 
ATOM   68  N N   . LEU B 1 5 ? -6.154  -6.305  -1.529 1.00 35.03 ? 5    LEU B N   1 
ATOM   69  C CA  . LEU B 1 5 ? -6.046  -5.058  -2.310 1.00 38.56 ? 5    LEU B CA  1 
ATOM   70  C C   . LEU B 1 5 ? -5.643  -3.867  -1.451 1.00 36.83 ? 5    LEU B C   1 
ATOM   71  O O   . LEU B 1 5 ? -6.430  -3.406  -0.629 1.00 35.09 ? 5    LEU B O   1 
ATOM   72  C CB  . LEU B 1 5 ? -7.358  -4.725  -3.022 1.00 40.01 ? 5    LEU B CB  1 
ATOM   73  C CG  . LEU B 1 5 ? -8.085  -5.689  -3.955 1.00 42.54 ? 5    LEU B CG  1 
ATOM   74  C CD1 . LEU B 1 5 ? -8.727  -4.882  -5.051 1.00 40.41 ? 5    LEU B CD1 1 
ATOM   75  C CD2 . LEU B 1 5 ? -7.151  -6.714  -4.561 1.00 48.86 ? 5    LEU B CD2 1 
ATOM   76  N N   . MET B 1 6 ? -4.446  -3.333  -1.674 1.00 36.91 ? 6    MET B N   1 
ATOM   77  C CA  . MET B 1 6 ? -3.881  -2.366  -0.726 1.00 38.67 ? 6    MET B CA  1 
ATOM   78  C C   . MET B 1 6 ? -3.477  -0.998  -1.287 1.00 39.85 ? 6    MET B C   1 
ATOM   79  O O   . MET B 1 6 ? -2.463  -0.844  -1.981 1.00 36.12 ? 6    MET B O   1 
ATOM   80  C CB  . MET B 1 6 ? -2.716  -3.007  0.000  1.00 41.08 ? 6    MET B CB  1 
ATOM   81  C CG  . MET B 1 6 ? -2.204  -2.224  1.177  1.00 41.23 ? 6    MET B CG  1 
ATOM   82  S SD  . MET B 1 6 ? -0.792  -3.101  1.831  1.00 52.24 ? 6    MET B SD  1 
ATOM   83  C CE  . MET B 1 6 ? 0.273   -3.057  0.396  1.00 49.67 ? 6    MET B CE  1 
ATOM   84  O OXT . MET B 1 6 ? -4.150  -0.001  -1.002 1.00 40.83 ? 6    MET B OXT 1 
ATOM   85  N N   . ALA C 1 1 ? -3.273  -21.140 1.672  1.00 22.25 ? 1    ALA C N   1 
ATOM   86  C CA  . ALA C 1 1 ? -2.530  -20.285 0.698  1.00 19.07 ? 1    ALA C CA  1 
ATOM   87  C C   . ALA C 1 1 ? -1.962  -18.989 1.296  1.00 21.51 ? 1    ALA C C   1 
ATOM   88  O O   . ALA C 1 1 ? -2.472  -18.485 2.310  1.00 21.11 ? 1    ALA C O   1 
ATOM   89  C CB  . ALA C 1 1 ? -3.430  -19.960 -0.490 1.00 17.91 ? 1    ALA C CB  1 
ATOM   90  N N   . ILE C 1 2 ? -0.935  -18.436 0.640  1.00 18.35 ? 2    ILE C N   1 
ATOM   91  C CA  . ILE C 1 2 ? -0.194  -17.293 1.186  1.00 18.75 ? 2    ILE C CA  1 
ATOM   92  C C   . ILE C 1 2 ? -0.027  -16.106 0.249  1.00 19.29 ? 2    ILE C C   1 
ATOM   93  O O   . ILE C 1 2 ? 0.612   -16.186 -0.799 1.00 20.88 ? 2    ILE C O   1 
ATOM   94  C CB  . ILE C 1 2 ? 1.192   -17.645 1.795  1.00 18.92 ? 2    ILE C CB  1 
ATOM   95  C CG1 . ILE C 1 2 ? 1.727   -19.002 1.327  1.00 17.23 ? 2    ILE C CG1 1 
ATOM   96  C CG2 . ILE C 1 2 ? 1.136   -17.579 3.290  1.00 18.22 ? 2    ILE C CG2 1 
ATOM   97  C CD1 . ILE C 1 2 ? 2.868   -19.487 2.152  1.00 15.06 ? 2    ILE C CD1 1 
ATOM   98  N N   . ILE C 1 3 ? -0.559  -14.972 0.677  1.00 18.93 ? 3    ILE C N   1 
ATOM   99  C CA  . ILE C 1 3 ? -0.221  -13.710 0.012  1.00 15.80 ? 3    ILE C CA  1 
ATOM   100 C C   . ILE C 1 3 ? 0.405   -12.622 0.900  1.00 16.81 ? 3    ILE C C   1 
ATOM   101 O O   . ILE C 1 3 ? 0.264   -12.625 2.132  1.00 16.61 ? 3    ILE C O   1 
ATOM   102 C CB  . ILE C 1 3 ? -1.420  -13.120 -0.783 1.00 17.21 ? 3    ILE C CB  1 
ATOM   103 C CG1 . ILE C 1 3 ? -2.365  -14.214 -1.283 1.00 14.79 ? 3    ILE C CG1 1 
ATOM   104 C CG2 . ILE C 1 3 ? -0.913  -12.315 -1.946 1.00 15.50 ? 3    ILE C CG2 1 
ATOM   105 C CD1 . ILE C 1 3 ? -3.363  -13.670 -2.364 1.00 14.48 ? 3    ILE C CD1 1 
ATOM   106 N N   . GLY C 1 4 ? 1.114   -11.687 0.265  1.00 15.53 ? 4    GLY C N   1 
ATOM   107 C CA  . GLY C 1 4 ? 1.682   -10.599 0.991  1.00 18.25 ? 4    GLY C CA  1 
ATOM   108 C C   . GLY C 1 4 ? 2.041   -9.394  0.172  1.00 19.85 ? 4    GLY C C   1 
ATOM   109 O O   . GLY C 1 4 ? 2.628   -9.492  -0.909 1.00 17.16 ? 4    GLY C O   1 
ATOM   110 N N   . LEU C 1 5 ? 1.692   -8.227  0.679  1.00 20.26 ? 5    LEU C N   1 
ATOM   111 C CA  . LEU C 1 5 ? 2.158   -7.024  -0.012 1.00 20.57 ? 5    LEU C CA  1 
ATOM   112 C C   . LEU C 1 5 ? 2.608   -5.914  0.906  1.00 21.05 ? 5    LEU C C   1 
ATOM   113 O O   . LEU C 1 5 ? 1.836   -5.419  1.717  1.00 21.40 ? 5    LEU C O   1 
ATOM   114 C CB  . LEU C 1 5 ? 1.142   -6.522  -1.038 1.00 20.39 ? 5    LEU C CB  1 
ATOM   115 C CG  . LEU C 1 5 ? -0.360  -6.700  -0.981 1.00 20.86 ? 5    LEU C CG  1 
ATOM   116 C CD1 . LEU C 1 5 ? -1.003  -5.772  -2.007 1.00 17.95 ? 5    LEU C CD1 1 
ATOM   117 C CD2 . LEU C 1 5 ? -0.783  -8.133  -1.257 1.00 21.02 ? 5    LEU C CD2 1 
ATOM   118 N N   . MET C 1 6 ? 3.862   -5.518  0.721  1.00 26.70 ? 6    MET C N   1 
ATOM   119 C CA  . MET C 1 6 ? 4.520   -4.520  1.530  1.00 26.89 ? 6    MET C CA  1 
ATOM   120 C C   . MET C 1 6 ? 4.255   -3.143  0.947  1.00 26.19 ? 6    MET C C   1 
ATOM   121 O O   . MET C 1 6 ? 5.091   -2.636  0.197  1.00 24.07 ? 6    MET C O   1 
ATOM   122 C CB  . MET C 1 6 ? 6.016   -4.805  1.534  1.00 29.06 ? 6    MET C CB  1 
ATOM   123 C CG  . MET C 1 6 ? 6.851   -3.811  2.260  1.00 31.74 ? 6    MET C CG  1 
ATOM   124 S SD  . MET C 1 6 ? 7.078   -4.251  3.974  1.00 38.72 ? 6    MET C SD  1 
ATOM   125 C CE  . MET C 1 6 ? 6.925   -6.025  3.897  1.00 39.21 ? 6    MET C CE  1 
ATOM   126 O OXT . MET C 1 6 ? 3.226   -2.524  1.237  1.00 22.92 ? 6    MET C OXT 1 
ATOM   127 N N   . ALA D 1 1 ? -13.027 -18.001 2.725  1.00 13.69 ? 1    ALA D N   1 
ATOM   128 C CA  . ALA D 1 1 ? -12.471 -16.971 1.810  1.00 15.55 ? 1    ALA D CA  1 
ATOM   129 C C   . ALA D 1 1 ? -11.901 -15.760 2.572  1.00 18.05 ? 1    ALA D C   1 
ATOM   130 O O   . ALA D 1 1 ? -12.086 -15.660 3.797  1.00 18.97 ? 1    ALA D O   1 
ATOM   131 C CB  . ALA D 1 1 ? -13.502 -16.583 0.797  1.00 13.87 ? 1    ALA D CB  1 
ATOM   132 N N   . ILE D 1 2 ? -11.202 -14.852 1.874  1.00 16.77 ? 2    ILE D N   1 
ATOM   133 C CA  . ILE D 1 2 ? -10.448 -13.787 2.564  1.00 16.95 ? 2    ILE D CA  1 
ATOM   134 C C   . ILE D 1 2 ? -10.083 -12.524 1.746  1.00 15.47 ? 2    ILE D C   1 
ATOM   135 O O   . ILE D 1 2 ? -9.203  -12.566 0.883  1.00 16.52 ? 2    ILE D O   1 
ATOM   136 C CB  . ILE D 1 2 ? -9.149  -14.319 3.324  1.00 17.46 ? 2    ILE D CB  1 
ATOM   137 C CG1 . ILE D 1 2 ? -8.656  -15.688 2.826  1.00 17.86 ? 2    ILE D CG1 1 
ATOM   138 C CG2 . ILE D 1 2 ? -9.360  -14.416 4.784  1.00 18.44 ? 2    ILE D CG2 1 
ATOM   139 C CD1 . ILE D 1 2 ? -7.585  -16.327 3.770  1.00 17.24 ? 2    ILE D CD1 1 
ATOM   140 N N   . ILE D 1 3 ? -10.734 -11.403 2.036  1.00 15.47 ? 3    ILE D N   1 
ATOM   141 C CA  . ILE D 1 3 ? -10.247 -10.103 1.521  1.00 16.33 ? 3    ILE D CA  1 
ATOM   142 C C   . ILE D 1 3 ? -9.606  -9.202  2.557  1.00 15.87 ? 3    ILE D C   1 
ATOM   143 O O   . ILE D 1 3 ? -9.764  -9.400  3.758  1.00 18.97 ? 3    ILE D O   1 
ATOM   144 C CB  . ILE D 1 3 ? -11.310 -9.251  0.778  1.00 15.86 ? 3    ILE D CB  1 
ATOM   145 C CG1 . ILE D 1 3 ? -12.448 -10.095 0.247  1.00 14.18 ? 3    ILE D CG1 1 
ATOM   146 C CG2 . ILE D 1 3 ? -10.686 -8.451  -0.317 1.00 13.42 ? 3    ILE D CG2 1 
ATOM   147 C CD1 . ILE D 1 3 ? -13.736 -9.396  0.351  1.00 14.50 ? 3    ILE D CD1 1 
ATOM   148 N N   . GLY D 1 4 ? -8.876  -8.202  2.067  1.00 16.70 ? 4    GLY D N   1 
ATOM   149 C CA  . GLY D 1 4 ? -8.226  -7.218  2.910  1.00 17.62 ? 4    GLY D CA  1 
ATOM   150 C C   . GLY D 1 4 ? -7.937  -5.909  2.191  1.00 17.09 ? 4    GLY D C   1 
ATOM   151 O O   . GLY D 1 4 ? -7.260  -5.899  1.143  1.00 17.65 ? 4    GLY D O   1 
ATOM   152 N N   . LEU D 1 5 ? -8.432  -4.782  2.718  1.00 18.30 ? 5    LEU D N   1 
ATOM   153 C CA  . LEU D 1 5 ? -8.042  -3.503  2.074  1.00 19.28 ? 5    LEU D CA  1 
ATOM   154 C C   . LEU D 1 5 ? -7.629  -2.299  2.934  1.00 22.10 ? 5    LEU D C   1 
ATOM   155 O O   . LEU D 1 5 ? -7.915  -2.207  4.136  1.00 20.49 ? 5    LEU D O   1 
ATOM   156 C CB  . LEU D 1 5 ? -8.974  -3.115  0.907  1.00 20.10 ? 5    LEU D CB  1 
ATOM   157 C CG  . LEU D 1 5 ? -10.429 -3.471  0.615  1.00 20.74 ? 5    LEU D CG  1 
ATOM   158 C CD1 . LEU D 1 5 ? -10.831 -2.805  -0.702 1.00 18.06 ? 5    LEU D CD1 1 
ATOM   159 C CD2 . LEU D 1 5 ? -10.817 -4.946  0.575  1.00 20.79 ? 5    LEU D CD2 1 
ATOM   160 N N   . MET D 1 6 ? -6.940  -1.372  2.280  1.00 23.87 ? 6    MET D N   1 
ATOM   161 C CA  . MET D 1 6 ? -6.400  -0.208  2.945  1.00 26.27 ? 6    MET D CA  1 
ATOM   162 C C   . MET D 1 6 ? -6.431  0.997   2.028  1.00 26.75 ? 6    MET D C   1 
ATOM   163 O O   . MET D 1 6 ? -5.416  1.636   1.782  1.00 24.88 ? 6    MET D O   1 
ATOM   164 C CB  . MET D 1 6 ? -4.976  -0.491  3.386  1.00 24.44 ? 6    MET D CB  1 
ATOM   165 C CG  . MET D 1 6 ? -4.538  0.322   4.540  1.00 28.43 ? 6    MET D CG  1 
ATOM   166 S SD  . MET D 1 6 ? -3.504  -0.691  5.598  1.00 24.27 ? 6    MET D SD  1 
ATOM   167 C CE  . MET D 1 6 ? -2.414  -1.373  4.344  1.00 18.86 ? 6    MET D CE  1 
ATOM   168 O OXT . MET D 1 6 ? -7.507  1.357   1.543  1.00 36.37 ? 6    MET D OXT 1 
ATOM   169 N N   . ALA E 1 1 ? -1.305  2.112   -5.067 1.00 13.74 ? 1    ALA E N   1 
ATOM   170 C CA  . ALA E 1 1 ? -0.623  2.905   -3.990 1.00 14.87 ? 1    ALA E CA  1 
ATOM   171 C C   . ALA E 1 1 ? -0.005  4.146   -4.588 1.00 15.35 ? 1    ALA E C   1 
ATOM   172 O O   . ALA E 1 1 ? 0.923   4.063   -5.393 1.00 14.23 ? 1    ALA E O   1 
ATOM   173 C CB  . ALA E 1 1 ? 0.430   2.066   -3.282 1.00 11.45 ? 1    ALA E CB  1 
ATOM   174 N N   . ILE E 1 2 ? -0.512  5.309   -4.192 1.00 16.35 ? 2    ILE E N   1 
ATOM   175 C CA  . ILE E 1 2 ? -0.135  6.537   -4.893 1.00 17.55 ? 2    ILE E CA  1 
ATOM   176 C C   . ILE E 1 2 ? 0.447   7.682   -4.061 1.00 17.84 ? 2    ILE E C   1 
ATOM   177 O O   . ILE E 1 2 ? -0.123  8.099   -3.044 1.00 15.80 ? 2    ILE E O   1 
ATOM   178 C CB  . ILE E 1 2 ? -1.296  7.057   -5.808 1.00 19.30 ? 2    ILE E CB  1 
ATOM   179 C CG1 . ILE E 1 2 ? -2.654  6.783   -5.170 1.00 20.33 ? 2    ILE E CG1 1 
ATOM   180 C CG2 . ILE E 1 2 ? -1.266  6.354   -7.141 1.00 22.23 ? 2    ILE E CG2 1 
ATOM   181 C CD1 . ILE E 1 2 ? -3.871  7.307   -5.974 1.00 18.31 ? 2    ILE E CD1 1 
ATOM   182 N N   . ILE E 1 3 ? 1.570   8.222   -4.528 1.00 21.97 ? 3    ILE E N   1 
ATOM   183 C CA  . ILE E 1 3 ? 2.105   9.435   -3.918 1.00 24.12 ? 3    ILE E CA  1 
ATOM   184 C C   . ILE E 1 3 ? 2.136   10.600  -4.894 1.00 23.38 ? 3    ILE E C   1 
ATOM   185 O O   . ILE E 1 3 ? 2.529   10.457  -6.077 1.00 23.99 ? 3    ILE E O   1 
ATOM   186 C CB  . ILE E 1 3 ? 3.525   9.275   -3.298 1.00 28.26 ? 3    ILE E CB  1 
ATOM   187 C CG1 . ILE E 1 3 ? 3.934   7.808   -3.155 1.00 32.16 ? 3    ILE E CG1 1 
ATOM   188 C CG2 . ILE E 1 3 ? 3.600   10.015  -1.981 1.00 31.09 ? 3    ILE E CG2 1 
ATOM   189 C CD1 . ILE E 1 3 ? 5.396   7.599   -2.769 1.00 35.20 ? 3    ILE E CD1 1 
ATOM   190 N N   . GLY E 1 4 ? 1.752   11.761  -4.391 1.00 23.21 ? 4    GLY E N   1 
ATOM   191 C CA  . GLY E 1 4 ? 1.998   13.022  -5.116 1.00 21.28 ? 4    GLY E CA  1 
ATOM   192 C C   . GLY E 1 4 ? 2.550   14.166  -4.287 1.00 22.22 ? 4    GLY E C   1 
ATOM   193 O O   . GLY E 1 4 ? 1.947   14.522  -3.262 1.00 22.20 ? 4    GLY E O   1 
ATOM   194 N N   . LEU E 1 5 ? 3.683   14.757  -4.706 1.00 20.53 ? 5    LEU E N   1 
ATOM   195 C CA  . LEU E 1 5 ? 4.157   16.021  -4.086 1.00 21.57 ? 5    LEU E CA  1 
ATOM   196 C C   . LEU E 1 5 ? 4.272   17.179  -5.070 1.00 24.38 ? 5    LEU E C   1 
ATOM   197 O O   . LEU E 1 5 ? 4.730   17.001  -6.219 1.00 26.33 ? 5    LEU E O   1 
ATOM   198 C CB  . LEU E 1 5 ? 5.534   15.902  -3.408 1.00 19.28 ? 5    LEU E CB  1 
ATOM   199 C CG  . LEU E 1 5 ? 6.179   14.614  -2.911 1.00 19.02 ? 5    LEU E CG  1 
ATOM   200 C CD1 . LEU E 1 5 ? 7.238   14.968  -1.933 1.00 20.73 ? 5    LEU E CD1 1 
ATOM   201 C CD2 . LEU E 1 5 ? 5.145   13.670  -2.273 1.00 18.83 ? 5    LEU E CD2 1 
ATOM   202 N N   . MET E 1 6 ? 3.943   18.373  -4.592 1.00 23.98 ? 6    MET E N   1 
ATOM   203 C CA  . MET E 1 6 ? 4.236   19.608  -5.335 1.00 27.73 ? 6    MET E CA  1 
ATOM   204 C C   . MET E 1 6 ? 4.621   20.834  -4.506 1.00 27.26 ? 6    MET E C   1 
ATOM   205 O O   . MET E 1 6 ? 3.874   21.268  -3.625 1.00 30.01 ? 6    MET E O   1 
ATOM   206 C CB  . MET E 1 6 ? 3.095   19.980  -6.266 1.00 26.24 ? 6    MET E CB  1 
ATOM   207 C CG  . MET E 1 6 ? 3.390   21.260  -7.004 1.00 25.94 ? 6    MET E CG  1 
ATOM   208 S SD  . MET E 1 6 ? 2.980   21.063  -8.729 1.00 31.66 ? 6    MET E SD  1 
ATOM   209 C CE  . MET E 1 6 ? 1.215   20.896  -8.539 1.00 22.26 ? 6    MET E CE  1 
ATOM   210 O OXT . MET E 1 6 ? 5.659   21.454  -4.720 1.00 29.72 ? 6    MET E OXT 1 
ATOM   211 N N   . ALA F 1 1 ? 3.250   1.069   1.011  1.00 15.32 ? 1    ALA F N   1 
ATOM   212 C CA  . ALA F 1 1 ? 4.149   1.885   1.920  1.00 14.18 ? 1    ALA F CA  1 
ATOM   213 C C   . ALA F 1 1 ? 4.858   3.094   1.255  1.00 14.70 ? 1    ALA F C   1 
ATOM   214 O O   . ALA F 1 1 ? 5.784   2.977   0.421  1.00 13.19 ? 1    ALA F O   1 
ATOM   215 C CB  . ALA F 1 1 ? 5.137   0.956   2.689  1.00 14.63 ? 1    ALA F CB  1 
ATOM   216 N N   . ILE F 1 2 ? 4.412   4.270   1.662  1.00 11.92 ? 2    ILE F N   1 
ATOM   217 C CA  . ILE F 1 2 ? 4.793   5.494   0.984  1.00 13.03 ? 2    ILE F CA  1 
ATOM   218 C C   . ILE F 1 2 ? 5.289   6.608   1.902  1.00 13.11 ? 2    ILE F C   1 
ATOM   219 O O   . ILE F 1 2 ? 4.645   6.939   2.935  1.00 9.69  ? 2    ILE F O   1 
ATOM   220 C CB  . ILE F 1 2 ? 3.629   6.002   0.088  1.00 14.16 ? 2    ILE F CB  1 
ATOM   221 C CG1 . ILE F 1 2 ? 2.270   5.636   0.635  1.00 13.16 ? 2    ILE F CG1 1 
ATOM   222 C CG2 . ILE F 1 2 ? 3.547   5.207   -1.170 1.00 11.79 ? 2    ILE F CG2 1 
ATOM   223 C CD1 . ILE F 1 2 ? 1.166   5.952   -0.340 1.00 14.56 ? 2    ILE F CD1 1 
ATOM   224 N N   . ILE F 1 3 ? 6.367   7.260   1.469  1.00 16.83 ? 3    ILE F N   1 
ATOM   225 C CA  . ILE F 1 3 ? 6.787   8.554   2.046  1.00 16.28 ? 3    ILE F CA  1 
ATOM   226 C C   . ILE F 1 3 ? 7.122   9.715   1.048  1.00 17.15 ? 3    ILE F C   1 
ATOM   227 O O   . ILE F 1 3 ? 7.948   9.540   0.121  1.00 15.94 ? 3    ILE F O   1 
ATOM   228 C CB  . ILE F 1 3 ? 7.979   8.363   3.020  1.00 19.71 ? 3    ILE F CB  1 
ATOM   229 C CG1 . ILE F 1 3 ? 8.368   6.894   3.139  1.00 18.69 ? 3    ILE F CG1 1 
ATOM   230 C CG2 . ILE F 1 3 ? 7.632   8.952   4.381  1.00 16.98 ? 3    ILE F CG2 1 
ATOM   231 C CD1 . ILE F 1 3 ? 9.587   6.669   3.925  1.00 16.63 ? 3    ILE F CD1 1 
ATOM   232 N N   . GLY F 1 4 ? 6.439   10.862  1.213  1.00 12.78 ? 4    GLY F N   1 
ATOM   233 C CA  . GLY F 1 4 ? 6.825   12.131  0.576  1.00 13.44 ? 4    GLY F CA  1 
ATOM   234 C C   . GLY F 1 4 ? 7.434   13.133  1.550  1.00 14.63 ? 4    GLY F C   1 
ATOM   235 O O   . GLY F 1 4 ? 6.910   13.304  2.657  1.00 12.49 ? 4    GLY F O   1 
ATOM   236 N N   . LEU F 1 5 ? 8.527   13.789  1.128  1.00 16.89 ? 5    LEU F N   1 
ATOM   237 C CA  . LEU F 1 5 ? 9.128   14.960  1.823  1.00 15.42 ? 5    LEU F CA  1 
ATOM   238 C C   . LEU F 1 5 ? 9.253   16.204  0.890  1.00 16.43 ? 5    LEU F C   1 
ATOM   239 O O   . LEU F 1 5 ? 9.856   16.194  -0.212 1.00 12.72 ? 5    LEU F O   1 
ATOM   240 C CB  . LEU F 1 5 ? 10.513  14.692  2.462  1.00 15.96 ? 5    LEU F CB  1 
ATOM   241 C CG  . LEU F 1 5 ? 11.014  13.307  2.899  1.00 15.47 ? 5    LEU F CG  1 
ATOM   242 C CD1 . LEU F 1 5 ? 12.094  13.435  3.965  1.00 18.32 ? 5    LEU F CD1 1 
ATOM   243 C CD2 . LEU F 1 5 ? 9.924   12.473  3.390  1.00 14.41 ? 5    LEU F CD2 1 
ATOM   244 N N   . MET F 1 6 ? 8.659   17.278  1.351  1.00 15.77 ? 6    MET F N   1 
ATOM   245 C CA  . MET F 1 6 ? 8.718   18.504  0.605  1.00 18.97 ? 6    MET F CA  1 
ATOM   246 C C   . MET F 1 6 ? 9.233   19.575  1.549  1.00 17.87 ? 6    MET F C   1 
ATOM   247 O O   . MET F 1 6 ? 8.500   20.323  2.230  1.00 18.01 ? 6    MET F O   1 
ATOM   248 C CB  . MET F 1 6 ? 7.351   18.797  0.008  1.00 19.35 ? 6    MET F CB  1 
ATOM   249 C CG  . MET F 1 6 ? 7.443   19.109  -1.456 1.00 22.10 ? 6    MET F CG  1 
ATOM   250 S SD  . MET F 1 6 ? 5.866   19.231  -2.273 1.00 22.16 ? 6    MET F SD  1 
ATOM   251 C CE  . MET F 1 6 ? 4.906   20.158  -1.019 1.00 17.56 ? 6    MET F CE  1 
ATOM   252 O OXT . MET F 1 6 ? 10.433  19.665  1.647  1.00 18.09 ? 6    MET F OXT 1 
ATOM   253 N N   . ALA G 1 1 ? -3.897  2.762   -0.768 1.00 15.44 ? 1    ALA G N   1 
ATOM   254 C CA  . ALA G 1 1 ? -3.115  3.600   0.170  1.00 18.98 ? 1    ALA G CA  1 
ATOM   255 C C   . ALA G 1 1 ? -2.581  4.825   -0.546 1.00 21.28 ? 1    ALA G C   1 
ATOM   256 O O   . ALA G 1 1 ? -2.001  4.726   -1.639 1.00 20.24 ? 1    ALA G O   1 
ATOM   257 C CB  . ALA G 1 1 ? -1.998  2.775   0.827  1.00 13.12 ? 1    ALA G CB  1 
ATOM   258 N N   . ILE G 1 2 ? -2.810  5.998   0.035  1.00 22.67 ? 2    ILE G N   1 
ATOM   259 C CA  . ILE G 1 2 ? -2.631  7.230   -0.747 1.00 23.88 ? 2    ILE G CA  1 
ATOM   260 C C   . ILE G 1 2 ? -2.177  8.507   -0.035 1.00 24.50 ? 2    ILE G C   1 
ATOM   261 O O   . ILE G 1 2 ? -2.876  9.016   0.861  1.00 23.77 ? 2    ILE G O   1 
ATOM   262 C CB  . ILE G 1 2 ? -3.919  7.587   -1.528 1.00 25.75 ? 2    ILE G CB  1 
ATOM   263 C CG1 . ILE G 1 2 ? -4.586  6.351   -2.116 1.00 27.70 ? 2    ILE G CG1 1 
ATOM   264 C CG2 . ILE G 1 2 ? -3.615  8.579   -2.581 1.00 26.66 ? 2    ILE G CG2 1 
ATOM   265 C CD1 . ILE G 1 2 ? -5.768  5.870   -1.339 1.00 26.45 ? 2    ILE G CD1 1 
ATOM   266 N N   . ILE G 1 3 ? -1.063  9.066   -0.504 1.00 22.48 ? 3    ILE G N   1 
ATOM   267 C CA  . ILE G 1 3 ? -0.527  10.330  0.065  1.00 21.92 ? 3    ILE G CA  1 
ATOM   268 C C   . ILE G 1 3 ? -0.446  11.506  -0.907 1.00 20.80 ? 3    ILE G C   1 
ATOM   269 O O   . ILE G 1 3 ? -0.001  11.387  -2.068 1.00 23.24 ? 3    ILE G O   1 
ATOM   270 C CB  . ILE G 1 3 ? 0.863   10.217  0.743  1.00 23.02 ? 3    ILE G CB  1 
ATOM   271 C CG1 . ILE G 1 3 ? 1.228   8.789   1.100  1.00 20.32 ? 3    ILE G CG1 1 
ATOM   272 C CG2 . ILE G 1 3 ? 0.901   11.102  1.982  1.00 22.49 ? 3    ILE G CG2 1 
ATOM   273 C CD1 . ILE G 1 3 ? 2.615   8.694   1.676  1.00 17.27 ? 3    ILE G CD1 1 
ATOM   274 N N   . GLY G 1 4 ? -0.850  12.654  -0.407 1.00 19.95 ? 4    GLY G N   1 
ATOM   275 C CA  . GLY G 1 4 ? -0.743  13.895  -1.170 1.00 20.56 ? 4    GLY G CA  1 
ATOM   276 C C   . GLY G 1 4 ? -0.101  15.025  -0.396 1.00 22.81 ? 4    GLY G C   1 
ATOM   277 O O   . GLY G 1 4 ? -0.507  15.309  0.757  1.00 23.12 ? 4    GLY G O   1 
ATOM   278 N N   . LEU G 1 5 ? 0.885   15.688  -1.007 1.00 22.42 ? 5    LEU G N   1 
ATOM   279 C CA  . LEU G 1 5 ? 1.357   16.973  -0.457 1.00 19.70 ? 5    LEU G CA  1 
ATOM   280 C C   . LEU G 1 5 ? 1.589   18.157  -1.412 1.00 21.17 ? 5    LEU G C   1 
ATOM   281 O O   . LEU G 1 5 ? 2.127   18.051  -2.544 1.00 20.60 ? 5    LEU G O   1 
ATOM   282 C CB  . LEU G 1 5 ? 2.485   16.839  0.573  1.00 18.60 ? 5    LEU G CB  1 
ATOM   283 C CG  . LEU G 1 5 ? 3.282   15.572  0.858  1.00 15.93 ? 5    LEU G CG  1 
ATOM   284 C CD1 . LEU G 1 5 ? 4.440   16.010  1.650  1.00 13.84 ? 5    LEU G CD1 1 
ATOM   285 C CD2 . LEU G 1 5 ? 2.492   14.488  1.612  1.00 15.72 ? 5    LEU G CD2 1 
ATOM   286 N N   . MET G 1 6 ? 1.243   19.312  -0.885 1.00 18.55 ? 6    MET G N   1 
ATOM   287 C CA  . MET G 1 6 ? 1.241   20.534  -1.674 1.00 20.09 ? 6    MET G CA  1 
ATOM   288 C C   . MET G 1 6 ? 1.560   21.682  -0.768 1.00 23.92 ? 6    MET G C   1 
ATOM   289 O O   . MET G 1 6 ? 0.859   21.866  0.249  1.00 18.74 ? 6    MET G O   1 
ATOM   290 C CB  . MET G 1 6 ? -0.119  20.769  -2.337 1.00 18.32 ? 6    MET G CB  1 
ATOM   291 C CG  . MET G 1 6 ? -0.135  20.589  -3.858 1.00 17.85 ? 6    MET G CG  1 
ATOM   292 S SD  . MET G 1 6 ? -1.418  21.561  -4.735 1.00 18.92 ? 6    MET G SD  1 
ATOM   293 C CE  . MET G 1 6 ? -2.392  22.208  -3.338 1.00 15.24 ? 6    MET G CE  1 
ATOM   294 O OXT . MET G 1 6 ? 2.512   22.420  -1.061 1.00 29.04 ? 6    MET G OXT 1 
ATOM   295 N N   . ALA H 1 1 ? 6.218   -0.765  -2.484 1.00 8.73  ? 1    ALA H N   1 
ATOM   296 C CA  . ALA H 1 1 ? 6.765   0.211   -1.521 1.00 8.88  ? 1    ALA H CA  1 
ATOM   297 C C   . ALA H 1 1 ? 7.144   1.459   -2.294 1.00 7.94  ? 1    ALA H C   1 
ATOM   298 O O   . ALA H 1 1 ? 7.755   1.389   -3.358 1.00 7.36  ? 1    ALA H O   1 
ATOM   299 C CB  . ALA H 1 1 ? 7.987   -0.363  -0.814 1.00 8.20  ? 1    ALA H CB  1 
ATOM   300 N N   . ILE H 1 2 ? 6.803   2.610   -1.782 1.00 6.73  ? 2    ILE H N   1 
ATOM   301 C CA  . ILE H 1 2 ? 7.251   3.816   -2.539 1.00 7.49  ? 2    ILE H CA  1 
ATOM   302 C C   . ILE H 1 2 ? 7.796   4.967   -1.732 1.00 7.85  ? 2    ILE H C   1 
ATOM   303 O O   . ILE H 1 2 ? 7.279   5.210   -0.622 1.00 7.39  ? 2    ILE H O   1 
ATOM   304 C CB  . ILE H 1 2 ? 6.107   4.355   -3.394 1.00 7.74  ? 2    ILE H CB  1 
ATOM   305 C CG1 . ILE H 1 2 ? 4.783   3.735   -2.999 1.00 7.61  ? 2    ILE H CG1 1 
ATOM   306 C CG2 . ILE H 1 2 ? 6.317   3.999   -4.841 1.00 8.68  ? 2    ILE H CG2 1 
ATOM   307 C CD1 . ILE H 1 2 ? 3.534   4.552   -3.595 1.00 6.91  ? 2    ILE H CD1 1 
ATOM   308 N N   . ILE H 1 3 ? 8.728   5.746   -2.340 1.00 8.40  ? 3    ILE H N   1 
ATOM   309 C CA  . ILE H 1 3 ? 9.307   6.942   -1.720 1.00 9.17  ? 3    ILE H CA  1 
ATOM   310 C C   . ILE H 1 3 ? 9.392   8.149   -2.683 1.00 7.92  ? 3    ILE H C   1 
ATOM   311 O O   . ILE H 1 3 ? 9.885   8.064   -3.842 1.00 7.34  ? 3    ILE H O   1 
ATOM   312 C CB  . ILE H 1 3 ? 10.683  6.756   -0.935 1.00 10.20 ? 3    ILE H CB  1 
ATOM   313 C CG1 . ILE H 1 3 ? 11.142  5.309   -0.868 1.00 11.54 ? 3    ILE H CG1 1 
ATOM   314 C CG2 . ILE H 1 3 ? 10.581  7.397   0.505  1.00 10.46 ? 3    ILE H CG2 1 
ATOM   315 C CD1 . ILE H 1 3 ? 12.535  5.169   -0.236 1.00 12.46 ? 3    ILE H CD1 1 
ATOM   316 N N   . GLY H 1 4 ? 8.794   9.230   -2.283 1.00 7.09  ? 4    GLY H N   1 
ATOM   317 C CA  . GLY H 1 4 ? 9.111   10.515  -3.000 1.00 7.32  ? 4    GLY H CA  1 
ATOM   318 C C   . GLY H 1 4 ? 9.807   11.500  -2.086 1.00 8.45  ? 4    GLY H C   1 
ATOM   319 O O   . GLY H 1 4 ? 9.265   11.770  -1.001 1.00 8.87  ? 4    GLY H O   1 
ATOM   320 N N   . LEU H 1 5 ? 10.911  12.132  -2.544 1.00 10.40 ? 5    LEU H N   1 
ATOM   321 C CA  . LEU H 1 5 ? 11.401  13.360  -1.892 1.00 9.46  ? 5    LEU H CA  1 
ATOM   322 C C   . LEU H 1 5 ? 11.625  14.617  -2.770 1.00 9.44  ? 5    LEU H C   1 
ATOM   323 O O   . LEU H 1 5 ? 12.160  14.586  -3.879 1.00 9.89  ? 5    LEU H O   1 
ATOM   324 C CB  . LEU H 1 5 ? 12.577  13.174  -0.951 1.00 8.73  ? 5    LEU H CB  1 
ATOM   325 C CG  . LEU H 1 5 ? 13.641  12.090  -0.919 1.00 9.43  ? 5    LEU H CG  1 
ATOM   326 C CD1 . LEU H 1 5 ? 14.488  12.388  0.335  1.00 8.55  ? 5    LEU H CD1 1 
ATOM   327 C CD2 . LEU H 1 5 ? 12.998  10.728  -0.826 1.00 7.96  ? 5    LEU H CD2 1 
ATOM   328 N N   . MET H 1 6 ? 11.278  15.729  -2.200 1.00 10.08 ? 6    MET H N   1 
ATOM   329 C CA  . MET H 1 6 ? 11.473  17.003  -2.912 1.00 11.87 ? 6    MET H CA  1 
ATOM   330 C C   . MET H 1 6 ? 11.909  18.079  -1.952 1.00 11.81 ? 6    MET H C   1 
ATOM   331 O O   . MET H 1 6 ? 11.146  18.322  -1.024 1.00 13.32 ? 6    MET H O   1 
ATOM   332 C CB  . MET H 1 6 ? 10.141  17.377  -3.567 1.00 14.25 ? 6    MET H CB  1 
ATOM   333 C CG  . MET H 1 6 ? 10.248  17.859  -4.976 1.00 19.21 ? 6    MET H CG  1 
ATOM   334 S SD  . MET H 1 6 ? 8.717   17.681  -5.879 1.00 29.29 ? 6    MET H SD  1 
ATOM   335 C CE  . MET H 1 6 ? 7.657   18.832  -4.980 1.00 22.33 ? 6    MET H CE  1 
ATOM   336 O OXT . MET H 1 6 ? 12.942  18.755  -2.047 1.00 15.73 ? 6    MET H OXT 1 
HETATM 337 O O   . HOH I 2 . ? -5.884  2.470   -3.965 1.00 52.84 ? 2001 HOH B O   1 
HETATM 338 O O   . HOH J 2 . ? -3.364  2.879   -6.710 1.00 47.67 ? 2001 HOH E O   1 
# 
